data_6AST
#
_entry.id   6AST
#
loop_
_entity.id
_entity.type
_entity.pdbx_description
1 polymer "DNA (5'-D(*CP*CP*AP*AP*GP*AP*TP*AP*G)-3')"
2 polymer "DNA (5'-D(*CP*TP*AP*TP*CP*TP*TP*GP*G)-3')"
3 non-polymer amino(4-{[(2-{4-[amino(iminio)methyl]phenyl}-3H-imidazo[4,5-b]pyridin-5-yl)oxy]methyl}phenyl)methaniminium
#
loop_
_entity_poly.entity_id
_entity_poly.type
_entity_poly.pdbx_seq_one_letter_code
_entity_poly.pdbx_strand_id
1 'polydeoxyribonucleotide' (DC)(DC)(DA)(DA)(DG)(DA)(DT)(DA)(DG) A
2 'polydeoxyribonucleotide' (DC)(DT)(DA)(DT)(DC)(DT)(DT)(DG)(DG) B
#
loop_
_chem_comp.id
_chem_comp.type
_chem_comp.name
_chem_comp.formula
BVV non-polymer amino(4-{[(2-{4-[amino(iminio)methyl]phenyl}-3H-imidazo[4,5-b]pyridin-5-yl)oxy]methyl}phenyl)methaniminium 'C21 H21 N7 O 2'
DA DNA linking 2'-DEOXYADENOSINE-5'-MONOPHOSPHATE 'C10 H14 N5 O6 P'
DC DNA linking 2'-DEOXYCYTIDINE-5'-MONOPHOSPHATE 'C9 H14 N3 O7 P'
DG DNA linking 2'-DEOXYGUANOSINE-5'-MONOPHOSPHATE 'C10 H14 N5 O7 P'
DT DNA linking THYMIDINE-5'-MONOPHOSPHATE 'C10 H15 N2 O8 P'
#
# COMPACT_ATOMS: atom_id res chain seq x y z
C1 BVV C . 4.94 -4.50 -0.62
C2 BVV C . 4.05 -3.60 -0.01
C3 BVV C . 2.34 -4.18 -1.64
C4 BVV C . 3.22 -5.10 -2.24
C5 BVV C . 4.53 -5.25 -1.75
C6 BVV C . 5.41 -6.12 -2.40
N1 BVV C . 6.23 -6.91 -1.74
N2 BVV C . 5.51 -6.16 -3.70
N3 BVV C . 0.46 -0.05 0.67
O1 BVV C . 2.35 -1.46 0.92
C7 BVV C . 2.75 -3.43 -0.53
C8 BVV C . 1.77 -2.43 0.05
C9 BVV C . 1.64 -0.32 1.27
C10 BVV C . 2.20 0.51 2.26
C11 BVV C . 1.52 1.68 2.64
C12 BVV C . -0.14 1.09 1.07
C13 BVV C . 0.30 1.99 2.01
C14 BVV C . -1.56 2.70 1.26
C15 BVV C . -2.78 3.44 1.02
N5 BVV C . -1.30 1.56 0.58
C16 BVV C . -3.89 2.72 0.55
C18 BVV C . -5.10 3.34 0.25
C20 BVV C . -5.23 4.73 0.46
C19 BVV C . -4.13 5.48 0.95
C17 BVV C . -2.91 4.83 1.21
C21 BVV C . -6.49 5.31 0.24
N6 BVV C . -7.30 4.91 -0.73
N7 BVV C . -7.02 6.13 1.13
N4 BVV C . -0.62 3.04 2.12
H1 BVV C . 5.94 -4.58 -0.24
H2 BVV C . 4.37 -3.02 0.84
H3 BVV C . 1.36 -4.05 -2.03
H4 BVV C . 2.86 -5.69 -3.07
H6 BVV C . 6.85 -7.51 -2.27
H5 BVV C . 6.18 -6.96 -0.74
H8 BVV C . 4.95 -5.51 -4.26
H10 BVV C . 1.31 -1.92 -0.80
H9 BVV C . 0.99 -2.98 0.57
H11 BVV C . 3.14 0.24 2.70
H12 BVV C . 1.92 2.34 3.39
H13 BVV C . -1.81 1.11 -0.17
H14 BVV C . -3.83 1.66 0.42
H16 BVV C . -5.94 2.77 -0.11
H17 BVV C . -4.22 6.54 1.10
H15 BVV C . -2.07 5.40 1.57
H18 BVV C . -8.29 5.14 -0.67
H21 BVV C . -8.05 6.14 1.15
H20 BVV C . -6.50 6.28 1.98
H7 BVV C . 6.14 -6.83 -4.13
H19 BVV C . -6.99 4.15 -1.34
C1 BVV C . 4.56 -5.23 -0.04
C2 BVV C . 3.75 -4.20 0.48
C3 BVV C . 2.46 -4.19 -1.57
C4 BVV C . 3.28 -5.19 -2.11
C5 BVV C . 4.34 -5.73 -1.34
C6 BVV C . 5.10 -6.78 -1.88
N1 BVV C . 5.48 -7.81 -1.13
N2 BVV C . 5.38 -6.85 -3.17
N3 BVV C . 0.49 -0.22 0.96
O1 BVV C . 2.29 -1.73 1.19
C7 BVV C . 2.69 -3.68 -0.30
C8 BVV C . 1.73 -2.62 0.22
C9 BVV C . 1.62 -0.58 1.57
C10 BVV C . 2.18 0.16 2.63
C11 BVV C . 1.55 1.34 3.06
C12 BVV C . -0.07 0.93 1.40
C13 BVV C . 0.37 1.77 2.41
C14 BVV C . -1.36 2.66 1.59
C15 BVV C . -2.52 3.51 1.32
N5 BVV C . -1.18 1.50 0.90
C16 BVV C . -3.69 2.91 0.86
C18 BVV C . -4.82 3.64 0.54
C20 BVV C . -4.83 5.05 0.66
C19 BVV C . -3.66 5.68 1.13
C17 BVV C . -2.52 4.92 1.47
C21 BVV C . -5.98 5.75 0.22
N6 BVV C . -6.72 5.28 -0.75
N7 BVV C . -6.41 6.85 0.81
N4 BVV C . -0.47 2.87 2.53
H1 BVV C . 5.37 -5.60 0.57
H2 BVV C . 3.92 -3.82 1.48
H3 BVV C . 1.63 -3.83 -2.14
H4 BVV C . 3.05 -5.57 -3.09
H6 BVV C . 5.94 -8.59 -1.53
H5 BVV C . 5.20 -7.81 -0.15
H8 BVV C . 5.07 -6.08 -3.76
H10 BVV C . 1.41 -2.03 -0.64
H9 BVV C . 0.86 -3.11 0.62
H11 BVV C . 3.09 -0.19 3.10
H12 BVV C . 1.96 1.93 3.88
H13 BVV C . -1.70 1.14 0.11
H14 BVV C . -3.71 1.83 0.76
H16 BVV C . -5.70 3.11 0.18
H17 BVV C . -3.62 6.76 1.22
H15 BVV C . -1.62 5.42 1.81
H18 BVV C . -7.62 5.67 -0.98
H21 BVV C . -7.26 7.29 0.51
H20 BVV C . -5.91 7.26 1.60
H7 BVV C . 5.84 -7.65 -3.57
H19 BVV C . -6.44 4.40 -1.20
C1 BVV C . 5.37 -4.82 -0.37
C2 BVV C . 4.41 -3.94 0.18
C3 BVV C . 2.91 -4.43 -1.65
C4 BVV C . 3.85 -5.33 -2.19
C5 BVV C . 5.11 -5.52 -1.57
C6 BVV C . 6.07 -6.42 -2.11
N1 BVV C . 7.28 -6.59 -1.63
N2 BVV C . 5.89 -7.05 -3.26
N3 BVV C . 0.71 -0.36 0.69
O1 BVV C . 2.64 -1.75 0.90
C7 BVV C . 3.18 -3.72 -0.47
C8 BVV C . 2.13 -2.75 0.04
C9 BVV C . 1.90 -0.62 1.25
C10 BVV C . 2.47 0.21 2.23
C11 BVV C . 1.78 1.36 2.66
C12 BVV C . 0.10 0.76 1.12
C13 BVV C . 0.53 1.66 2.07
C14 BVV C . -1.32 2.38 1.37
C15 BVV C . -2.55 3.16 1.15
N5 BVV C . -1.09 1.22 0.69
C16 BVV C . -3.69 2.50 0.66
C18 BVV C . -4.86 3.21 0.33
C20 BVV C . -4.93 4.60 0.50
C19 BVV C . -3.80 5.27 1.04
C17 BVV C . -2.62 4.55 1.36
C21 BVV C . -6.08 5.29 0.05
N6 BVV C . -6.76 4.85 -0.98
N7 BVV C . -6.53 6.40 0.61
N4 BVV C . -0.38 2.70 2.22
H1 BVV C . 6.31 -4.93 0.15
H2 BVV C . 4.63 -3.40 1.09
H3 BVV C . 1.96 -4.28 -2.15
H4 BVV C . 3.57 -5.86 -3.08
H6 BVV C . 7.91 -7.20 -2.13
H5 BVV C . 7.68 -5.88 -1.02
H8 BVV C . 5.04 -6.88 -3.78
H10 BVV C . 1.66 -2.29 -0.82
H9 BVV C . 1.35 -3.32 0.56
H11 BVV C . 3.44 -0.05 2.65
H12 BVV C . 2.20 2.03 3.41
H13 BVV C . -1.62 0.83 -0.09
H14 BVV C . -3.65 1.44 0.50
H16 BVV C . -5.68 2.66 -0.11
H17 BVV C . -3.81 6.34 1.18
H15 BVV C . -1.76 5.09 1.74
H18 BVV C . -7.59 5.31 -1.30
H21 BVV C . -7.35 6.86 0.24
H20 BVV C . -6.08 6.80 1.42
H7 BVV C . 6.65 -7.58 -3.66
H19 BVV C . -6.47 3.98 -1.44
C1 BVV C . 4.28 -4.49 0.28
C2 BVV C . 3.45 -3.38 0.52
C3 BVV C . 2.11 -3.96 -1.43
C4 BVV C . 2.95 -5.04 -1.69
C5 BVV C . 4.03 -5.34 -0.83
C6 BVV C . 4.82 -6.48 -1.05
N1 BVV C . 5.21 -7.25 -0.05
N2 BVV C . 5.11 -6.87 -2.27
N3 BVV C . -0.11 0.27 0.65
O1 BVV C . 1.81 -1.07 0.95
C7 BVV C . 2.36 -3.11 -0.33
C8 BVV C . 1.41 -1.97 -0.08
C9 BVV C . 1.06 0.05 1.25
C10 BVV C . 1.61 0.92 2.21
C11 BVV C . 0.91 2.09 2.56
C12 BVV C . -0.73 1.40 1.02
C13 BVV C . -0.33 2.35 1.92
C14 BVV C . -2.18 3.02 1.16
C15 BVV C . -3.41 3.78 0.88
N5 BVV C . -1.91 1.85 0.52
C16 BVV C . -4.53 3.07 0.44
C18 BVV C . -5.71 3.73 0.09
C20 BVV C . -5.81 5.14 0.17
C19 BVV C . -4.68 5.86 0.66
C17 BVV C . -3.49 5.18 1.01
C21 BVV C . -6.97 5.77 -0.30
N6 BVV C . -7.68 5.27 -1.29
N7 BVV C . -7.41 6.93 0.17
N4 BVV C . -1.26 3.40 2.01
H1 BVV C . 5.12 -4.67 0.94
H2 BVV C . 3.65 -2.75 1.38
H3 BVV C . 1.27 -3.78 -2.06
H4 BVV C . 2.71 -5.68 -2.53
H6 BVV C . 5.73 -8.09 -0.21
H5 BVV C . 4.92 -7.00 0.88
H8 BVV C . 4.77 -6.30 -3.04
H10 BVV C . 1.32 -1.39 -1.00
H9 BVV C . 0.43 -2.38 0.14
H11 BVV C . 2.56 0.69 2.65
H12 BVV C . 1.30 2.79 3.30
H13 BVV C . -2.42 1.41 -0.24
H14 BVV C . -4.48 2.00 0.37
H16 BVV C . -6.54 3.14 -0.26
H17 BVV C . -4.71 6.93 0.73
H15 BVV C . -2.64 5.74 1.35
H18 BVV C . -8.51 5.69 -1.61
H21 BVV C . -8.21 7.38 -0.22
H20 BVV C . -6.94 7.39 0.95
H7 BVV C . 5.60 -7.73 -2.45
H19 BVV C . -7.38 4.37 -1.68
C1 BVV C . 4.76 -4.61 -0.64
C2 BVV C . 3.98 -3.57 -0.10
C3 BVV C . 2.25 -4.01 -1.75
C4 BVV C . 3.01 -5.06 -2.29
C5 BVV C . 4.29 -5.36 -1.75
C6 BVV C . 5.05 -6.38 -2.32
N1 BVV C . 5.75 -7.21 -1.59
N2 BVV C . 5.04 -6.60 -3.63
N3 BVV C . 0.60 0.23 0.54
O1 BVV C . 2.50 -1.18 0.64
C7 BVV C . 2.72 -3.26 -0.66
C8 BVV C . 1.83 -2.18 -0.12
C9 BVV C . 1.84 -0.01 0.99
C10 BVV C . 2.53 0.88 1.83
C11 BVV C . 1.91 2.09 2.24
C12 BVV C . 0.07 1.41 0.93
C13 BVV C . 0.61 2.37 1.76
C14 BVV C . -1.29 3.06 1.18
C15 BVV C . -2.53 3.85 1.00
N5 BVV C . -1.14 1.86 0.56
C16 BVV C . -3.69 3.20 0.53
C18 BVV C . -4.85 3.91 0.25
C20 BVV C . -4.91 5.31 0.45
C19 BVV C . -3.76 5.96 0.94
C17 BVV C . -2.58 5.24 1.22
C21 BVV C . -6.06 6.01 0.03
N6 BVV C . -6.80 5.62 -0.99
N7 BVV C . -6.44 7.13 0.62
N4 BVV C . -0.28 3.42 1.92
H1 BVV C . 5.74 -4.80 -0.22
H2 BVV C . 4.35 -3.00 0.74
H3 BVV C . 1.28 -3.79 -2.17
H4 BVV C . 2.60 -5.63 -3.10
H6 BVV C . 6.27 -7.97 -1.99
H5 BVV C . 5.74 -7.08 -0.59
H8 BVV C . 4.51 -5.95 -4.20
H10 BVV C . 1.34 -1.71 -0.98
H9 BVV C . 1.05 -2.64 0.49
H11 BVV C . 3.53 0.64 2.15
H12 BVV C . 2.41 2.79 2.88
H13 BVV C . -1.72 1.43 -0.15
H14 BVV C . -3.68 2.14 0.38
H16 BVV C . -5.70 3.37 -0.15
H17 BVV C . -3.76 7.03 1.09
H15 BVV C . -1.70 5.76 1.57
H18 BVV C . -7.60 6.15 -1.26
H21 BVV C . -7.21 7.67 0.24
H20 BVV C . -5.96 7.45 1.44
H7 BVV C . 5.52 -7.36 -4.04
H19 BVV C . -6.57 4.75 -1.45
C1 BVV C . 5.14 -3.98 -1.04
C2 BVV C . 4.17 -3.26 -0.30
C3 BVV C . 2.44 -4.12 -1.77
C4 BVV C . 3.40 -4.84 -2.50
C5 BVV C . 4.76 -4.75 -2.16
C6 BVV C . 5.71 -5.39 -2.99
N1 BVV C . 6.75 -6.03 -2.50
N2 BVV C . 5.63 -5.33 -4.29
N3 BVV C . 0.18 -0.28 0.85
O1 BVV C . 2.22 -1.51 0.90
C7 BVV C . 2.81 -3.31 -0.69
C8 BVV C . 1.73 -2.49 0.00
C9 BVV C . 1.42 -0.46 1.33
C10 BVV C . 2.00 0.41 2.27
C11 BVV C . 1.28 1.54 2.72
C12 BVV C . -0.45 0.82 1.29
C13 BVV C . -0.01 1.77 2.19
C14 BVV C . -1.90 2.42 1.52
C15 BVV C . -3.11 3.22 1.27
N5 BVV C . -1.67 1.25 0.87
C16 BVV C . -4.27 2.57 0.79
C18 BVV C . -5.41 3.30 0.45
C20 BVV C . -5.45 4.71 0.61
C19 BVV C . -4.29 5.36 1.10
C17 BVV C . -3.13 4.62 1.43
C21 BVV C . -6.59 5.42 0.20
N6 BVV C . -7.34 5.01 -0.79
N7 BVV C . -6.96 6.55 0.79
N4 BVV C . -0.95 2.79 2.34
H1 BVV C . 6.19 -3.87 -0.77
H2 BVV C . 4.47 -2.65 0.52
H3 BVV C . 1.40 -4.16 -2.08
H4 BVV C . 3.06 -5.47 -3.32
H6 BVV C . 7.42 -6.45 -3.14
H5 BVV C . 6.86 -6.09 -1.50
H8 BVV C . 4.93 -4.71 -4.70
H10 BVV C . 1.15 -2.00 -0.78
H9 BVV C . 1.05 -3.16 0.51
H11 BVV C . 3.01 0.23 2.62
H12 BVV C . 1.71 2.24 3.42
H13 BVV C . -2.20 0.83 0.12
H14 BVV C . -4.27 1.51 0.67
H16 BVV C . -6.27 2.78 0.06
H17 BVV C . -4.26 6.43 1.20
H15 BVV C . -2.25 5.13 1.77
H18 BVV C . -8.18 5.50 -1.06
H21 BVV C . -7.78 7.04 0.48
H20 BVV C . -6.46 6.89 1.59
H7 BVV C . 6.31 -5.79 -4.88
H19 BVV C . -7.09 4.14 -1.26
C1 BVV C . 5.09 -4.37 -0.31
C2 BVV C . 4.14 -3.49 0.24
C3 BVV C . 2.64 -3.93 -1.60
C4 BVV C . 3.58 -4.81 -2.17
C5 BVV C . 4.82 -5.05 -1.53
C6 BVV C . 5.74 -5.97 -2.08
N1 BVV C . 7.05 -5.87 -1.91
N2 BVV C . 5.33 -7.02 -2.76
N3 BVV C . 0.48 0.07 0.74
O1 BVV C . 2.34 -1.36 1.06
C7 BVV C . 2.91 -3.26 -0.40
C8 BVV C . 1.85 -2.33 0.15
C9 BVV C . 1.59 -0.25 1.41
C10 BVV C . 2.06 0.50 2.51
C11 BVV C . 1.34 1.63 2.93
C12 BVV C . -0.15 1.19 1.18
C13 BVV C . 0.18 2.01 2.23
C14 BVV C . -1.61 2.77 1.40
C15 BVV C . -2.85 3.51 1.15
N5 BVV C . -1.28 1.69 0.64
C16 BVV C . -3.96 2.78 0.67
C18 BVV C . -5.16 3.42 0.35
C20 BVV C . -5.29 4.82 0.49
C19 BVV C . -4.18 5.55 1.00
C17 BVV C . -2.98 4.91 1.33
C21 BVV C . -6.47 5.44 0.05
N6 BVV C . -7.18 4.96 -0.96
N7 BVV C . -6.96 6.53 0.61
N4 BVV C . -0.76 3.03 2.37
H1 BVV C . 6.03 -4.53 0.21
H2 BVV C . 4.36 -2.99 1.18
H3 BVV C . 1.69 -3.78 -2.10
H4 BVV C . 3.32 -5.30 -3.10
H6 BVV C . 7.67 -6.54 -2.33
H5 BVV C . 7.47 -5.04 -1.52
H8 BVV C . 4.35 -7.13 -2.94
H10 BVV C . 1.40 -1.82 -0.70
H9 BVV C . 1.06 -2.92 0.62
H11 BVV C . 2.95 0.18 3.03
H12 BVV C . 1.66 2.21 3.80
H13 BVV C . -1.74 1.35 -0.19
H14 BVV C . -3.88 1.72 0.56
H16 BVV C . -5.97 2.82 -0.03
H17 BVV C . -4.24 6.63 1.11
H15 BVV C . -2.14 5.48 1.69
H18 BVV C . -8.05 5.36 -1.24
H21 BVV C . -7.80 6.94 0.27
H20 BVV C . -6.49 6.97 1.41
H7 BVV C . 5.99 -7.64 -3.19
H19 BVV C . -6.86 4.09 -1.39
C1 BVV C . 4.94 -4.55 -0.18
C2 BVV C . 4.05 -3.56 0.27
C3 BVV C . 2.63 -3.96 -1.65
C4 BVV C . 3.52 -4.94 -2.12
C5 BVV C . 4.68 -5.26 -1.37
C6 BVV C . 5.49 -6.32 -1.79
N1 BVV C . 6.80 -6.35 -1.58
N2 BVV C . 4.99 -7.38 -2.40
N3 BVV C . 0.43 0.03 0.72
O1 BVV C . 2.36 -1.31 0.96
C7 BVV C . 2.89 -3.25 -0.47
C8 BVV C . 1.88 -2.22 -0.02
C9 BVV C . 1.62 -0.19 1.29
C10 BVV C . 2.19 0.68 2.25
C11 BVV C . 1.48 1.85 2.63
C12 BVV C . -0.20 1.16 1.12
C13 BVV C . 0.22 2.10 2.04
C14 BVV C . -1.66 2.74 1.35
C15 BVV C . -2.91 3.46 1.13
N5 BVV C . -1.39 1.58 0.67
C16 BVV C . -4.05 2.74 0.75
C18 BVV C . -5.26 3.39 0.45
C20 BVV C . -5.35 4.80 0.51
C19 BVV C . -4.21 5.53 0.93
C17 BVV C . -2.99 4.87 1.23
C21 BVV C . -6.52 5.43 0.06
N6 BVV C . -7.26 4.94 -0.91
N7 BVV C . -6.94 6.57 0.54
N4 BVV C . -0.72 3.11 2.18
H1 BVV C . 5.81 -4.79 0.43
H2 BVV C . 4.24 -3.04 1.20
H3 BVV C . 1.72 -3.78 -2.19
H4 BVV C . 3.30 -5.44 -3.05
H6 BVV C . 7.36 -7.12 -1.90
H5 BVV C . 7.30 -5.51 -1.31
H8 BVV C . 4.00 -7.39 -2.61
H10 BVV C . 1.59 -1.64 -0.90
H9 BVV C . 1.00 -2.73 0.35
H11 BVV C . 3.15 0.46 2.67
H12 BVV C . 1.89 2.53 3.36
H13 BVV C . -1.92 1.15 -0.08
H14 BVV C . -4.00 1.67 0.65
H16 BVV C . -6.11 2.80 0.13
H17 BVV C . -4.23 6.61 0.96
H15 BVV C . -2.12 5.44 1.49
H18 BVV C . -8.07 5.45 -1.23
H21 BVV C . -7.78 6.98 0.13
H20 BVV C . -6.44 7.01 1.29
H7 BVV C . 5.57 -8.14 -2.68
H19 BVV C . -7.01 4.04 -1.34
C1 BVV C . 4.50 -4.85 -0.66
C2 BVV C . 3.68 -3.90 -0.01
C3 BVV C . 1.96 -4.25 -1.67
C4 BVV C . 2.75 -5.22 -2.30
C5 BVV C . 4.04 -5.52 -1.82
C6 BVV C . 4.82 -6.50 -2.48
N1 BVV C . 5.77 -7.17 -1.87
N2 BVV C . 4.63 -6.78 -3.75
N3 BVV C . 0.27 -0.10 0.57
O1 BVV C . 2.15 -1.51 0.77
C7 BVV C . 2.41 -3.60 -0.53
C8 BVV C . 1.48 -2.58 0.11
C9 BVV C . 1.47 -0.35 1.09
C10 BVV C . 2.13 0.53 1.97
C11 BVV C . 1.48 1.74 2.35
C12 BVV C . -0.28 1.07 0.94
C13 BVV C . 0.21 2.02 1.80
C14 BVV C . -1.66 2.72 1.14
C15 BVV C . -2.88 3.49 0.94
N5 BVV C . -1.47 1.53 0.50
C16 BVV C . -4.04 2.79 0.55
C18 BVV C . -5.24 3.47 0.27
C20 BVV C . -5.30 4.87 0.37
C19 BVV C . -4.14 5.58 0.81
C17 BVV C . -2.95 4.89 1.08
C21 BVV C . -6.48 5.53 -0.01
N6 BVV C . -7.23 5.14 -1.03
N7 BVV C . -6.95 6.56 0.65
N4 BVV C . -0.68 3.08 1.93
H1 BVV C . 5.49 -5.04 -0.27
H2 BVV C . 4.04 -3.40 0.87
H3 BVV C . 0.99 -4.02 -2.07
H4 BVV C . 2.35 -5.74 -3.16
H6 BVV C . 6.29 -7.88 -2.34
H5 BVV C . 6.04 -6.87 -0.94
H8 BVV C . 3.95 -6.23 -4.27
H10 BVV C . 0.86 -2.18 -0.69
H9 BVV C . 0.83 -3.10 0.81
H11 BVV C . 3.09 0.28 2.37
H12 BVV C . 1.94 2.43 3.05
H13 BVV C . -2.03 1.10 -0.22
H14 BVV C . -4.01 1.72 0.44
H16 BVV C . -6.10 2.90 -0.05
H17 BVV C . -4.17 6.66 0.88
H15 BVV C . -2.06 5.43 1.38
H18 BVV C . -8.07 5.63 -1.25
H21 BVV C . -7.83 6.97 0.35
H20 BVV C . -6.49 6.85 1.48
H7 BVV C . 5.11 -7.53 -4.21
H19 BVV C . -6.96 4.30 -1.54
C1 BVV C . 5.02 -4.26 -0.55
C2 BVV C . 4.13 -3.29 -0.06
C3 BVV C . 2.47 -4.02 -1.68
C4 BVV C . 3.35 -4.98 -2.18
C5 BVV C . 4.64 -5.10 -1.63
C6 BVV C . 5.53 -6.04 -2.16
N1 BVV C . 6.30 -6.80 -1.40
N2 BVV C . 5.65 -6.17 -3.47
N3 BVV C . 0.46 0.21 0.41
O1 BVV C . 2.43 -1.07 0.61
C7 BVV C . 2.86 -3.16 -0.64
C8 BVV C . 1.87 -2.09 -0.20
C9 BVV C . 1.70 0.05 0.92
C10 BVV C . 2.30 0.99 1.79
C11 BVV C . 1.58 2.15 2.16
C12 BVV C . -0.17 1.34 0.80
C13 BVV C . 0.29 2.33 1.64
C14 BVV C . -1.67 2.87 1.06
C15 BVV C . -2.97 3.53 0.93
N5 BVV C . -1.41 1.70 0.40
C16 BVV C . -4.09 2.74 0.62
C18 BVV C . -5.36 3.31 0.47
C20 BVV C . -5.56 4.69 0.65
C19 BVV C . -4.43 5.49 0.98
C17 BVV C . -3.15 4.91 1.12
C21 BVV C . -6.84 5.23 0.51
N6 BVV C . -7.68 4.77 -0.41
N7 BVV C . -7.29 6.18 1.31
N4 BVV C . -0.70 3.31 1.81
H1 BVV C . 6.01 -4.33 -0.13
H2 BVV C . 4.44 -2.63 0.73
H3 BVV C . 1.48 -3.91 -2.12
H4 BVV C . 3.01 -5.64 -2.98
H6 BVV C . 6.94 -7.46 -1.80
H5 BVV C . 6.20 -6.77 -0.38
H8 BVV C . 5.07 -5.56 -4.05
H10 BVV C . 1.47 -1.63 -1.10
H9 BVV C . 1.04 -2.57 0.31
H11 BVV C . 3.30 0.81 2.15
H12 BVV C . 2.02 2.89 2.80
H13 BVV C . -1.96 1.20 -0.27
H14 BVV C . -3.97 1.68 0.50
H16 BVV C . -6.19 2.67 0.21
H17 BVV C . -4.53 6.56 1.11
H15 BVV C . -2.30 5.54 1.36
H18 BVV C . -8.62 5.08 -0.45
H21 BVV C . -8.22 6.53 1.23
H20 BVV C . -6.70 6.45 2.10
H7 BVV C . 6.27 -6.83 -3.88
H19 BVV C . -7.38 3.97 -0.96
C1 BVV C . 4.77 -5.08 -0.71
C2 BVV C . 4.05 -4.01 -0.13
C3 BVV C . 2.28 -4.32 -1.76
C4 BVV C . 2.99 -5.39 -2.33
C5 BVV C . 4.24 -5.79 -1.81
C6 BVV C . 4.94 -6.85 -2.40
N1 BVV C . 5.56 -7.76 -1.67
N2 BVV C . 4.97 -7.02 -3.70
N3 BVV C . 0.83 -0.06 0.64
O1 BVV C . 2.68 -1.52 0.64
C7 BVV C . 2.81 -3.62 -0.65
C8 BVV C . 1.96 -2.52 -0.06
C9 BVV C . 2.07 -0.35 1.05
C10 BVV C . 2.81 0.50 1.89
C11 BVV C . 2.22 1.71 2.35
C12 BVV C . 0.33 1.11 1.09
C13 BVV C . 0.92 2.03 1.92
C14 BVV C . -0.97 2.82 1.40
C15 BVV C . -2.16 3.68 1.25
N5 BVV C . -0.89 1.62 0.77
C16 BVV C . -3.36 3.10 0.85
C18 BVV C . -4.49 3.88 0.59
C20 BVV C . -4.44 5.29 0.71
C19 BVV C . -3.23 5.87 1.18
C17 BVV C . -2.10 5.08 1.44
C21 BVV C . -5.54 6.06 0.26
N6 BVV C . -6.39 5.61 -0.64
N7 BVV C . -5.71 7.32 0.61
N4 BVV C . 0.08 3.13 2.11
H1 BVV C . 5.73 -5.35 -0.29
H2 BVV C . 4.47 -3.46 0.71
H3 BVV C . 1.32 -4.03 -2.15
H4 BVV C . 2.53 -5.93 -3.16
H6 BVV C . 6.03 -8.55 -2.11
H5 BVV C . 5.46 -7.72 -0.66
H8 BVV C . 4.52 -6.34 -4.28
H10 BVV C . 1.40 -2.06 -0.87
H9 BVV C . 1.22 -2.97 0.61
H11 BVV C . 3.80 0.23 2.18
H12 BVV C . 2.76 2.39 2.99
H13 BVV C . -1.52 1.21 0.10
H14 BVV C . -3.43 2.04 0.72
H16 BVV C . -5.38 3.38 0.24
H17 BVV C . -3.14 6.94 1.28
H15 BVV C . -1.18 5.54 1.76
H18 BVV C . -7.14 6.17 -1.00
H21 BVV C . -6.43 7.88 0.19
H20 BVV C . -5.05 7.75 1.25
H7 BVV C . 5.44 -7.82 -4.09
H19 BVV C . -6.27 4.66 -1.01
#